data_8EKV
#
_entry.id   8EKV
#
_cell.length_a   42.616
_cell.length_b   60.600
_cell.length_c   44.483
_cell.angle_alpha   90.000
_cell.angle_beta   116.202
_cell.angle_gamma   90.000
#
_symmetry.space_group_name_H-M   'P 1 21 1'
#
loop_
_entity.id
_entity.type
_entity.pdbx_description
1 polymer "DNA (5'-D(*AP*AP*TP*AP*AP*GP*CP*GP*GP*AP*TP*GP*TP*GP*GP*G)-3')"
2 polymer "DNA (5'-D(*TP*CP*CP*CP*AP*CP*AP*TP*CP*CP*GP*CP*TP*TP*AP*T)-3')"
3 polymer 'Transcription factor PU.1'
4 non-polymer 'SODIUM ION'
5 water water
#
loop_
_entity_poly.entity_id
_entity_poly.type
_entity_poly.pdbx_seq_one_letter_code
_entity_poly.pdbx_strand_id
1 'polydeoxyribonucleotide' (DA)(DA)(DT)(DA)(DA)(DG)(DC)(DG)(DG)(DA)(DT)(DG)(DT)(DG)(DG)(DG) C
2 'polydeoxyribonucleotide' (DT)(DC)(DC)(DC)(DA)(DC)(DA)(DT)(DC)(DC)(DG)(DC)(DT)(DT)(DA)(DT) D
3 'polypeptide(L)'
;GSKKKIRLYQFLLDLLRSGDMKDSIWWVDKDKGTFQFSSKHKEALAHRWGIQKGNRKKMTYQKMARALRNYGKTGEVKKV
KKKLTYQFSGEVLGRGGLAERRHPPH
;
F
#
loop_
_chem_comp.id
_chem_comp.type
_chem_comp.name
_chem_comp.formula
DA DNA linking 2'-DEOXYADENOSINE-5'-MONOPHOSPHATE 'C10 H14 N5 O6 P'
DC DNA linking 2'-DEOXYCYTIDINE-5'-MONOPHOSPHATE 'C9 H14 N3 O7 P'
DG DNA linking 2'-DEOXYGUANOSINE-5'-MONOPHOSPHATE 'C10 H14 N5 O7 P'
DT DNA linking THYMIDINE-5'-MONOPHOSPHATE 'C10 H15 N2 O8 P'
NA non-polymer 'SODIUM ION' 'Na 1'
#
# COMPACT_ATOMS: atom_id res chain seq x y z
N LYS C 5 -15.26 -6.31 3.14
CA LYS C 5 -13.86 -6.60 2.86
C LYS C 5 -12.98 -5.40 3.19
N ILE C 6 -11.74 -5.69 3.59
CA ILE C 6 -10.80 -4.67 4.01
C ILE C 6 -10.45 -3.79 2.82
N ARG C 7 -10.25 -2.49 3.09
CA ARG C 7 -9.90 -1.57 2.02
C ARG C 7 -8.39 -1.59 1.79
N LEU C 8 -7.99 -1.26 0.57
CA LEU C 8 -6.59 -1.35 0.19
C LEU C 8 -5.70 -0.51 1.09
N TYR C 9 -6.10 0.74 1.38
CA TYR C 9 -5.22 1.55 2.23
C TYR C 9 -5.10 0.91 3.61
N GLN C 10 -6.15 0.26 4.08
CA GLN C 10 -6.10 -0.36 5.40
C GLN C 10 -5.24 -1.62 5.38
N PHE C 11 -5.32 -2.39 4.31
CA PHE C 11 -4.43 -3.53 4.12
C PHE C 11 -2.97 -3.12 4.21
N LEU C 12 -2.62 -2.00 3.58
CA LEU C 12 -1.24 -1.55 3.59
C LEU C 12 -0.85 -1.02 4.96
N LEU C 13 -1.73 -0.24 5.57
CA LEU C 13 -1.43 0.28 6.91
C LEU C 13 -1.25 -0.87 7.89
N ASP C 14 -2.12 -1.88 7.77
CA ASP C 14 -2.01 -3.06 8.64
C ASP C 14 -0.68 -3.76 8.45
N LEU C 15 -0.22 -3.90 7.21
CA LEU C 15 1.06 -4.55 6.96
C LEU C 15 2.19 -3.77 7.59
N LEU C 16 2.14 -2.43 7.45
CA LEU C 16 3.19 -1.61 8.03
C LEU C 16 3.19 -1.72 9.55
N ARG C 17 2.01 -1.81 10.17
CA ARG C 17 1.97 -1.98 11.62
C ARG C 17 2.51 -3.33 12.06
N SER C 18 2.15 -4.40 11.35
CA SER C 18 2.56 -5.74 11.76
C SER C 18 4.01 -6.04 11.43
N GLY C 19 4.54 -5.41 10.40
CA GLY C 19 5.83 -5.80 9.87
C GLY C 19 5.91 -7.18 9.27
N ASP C 20 4.78 -7.75 8.82
CA ASP C 20 4.80 -9.13 8.31
CA ASP C 20 4.79 -9.13 8.30
C ASP C 20 5.49 -9.25 6.95
N MET C 21 5.63 -8.16 6.21
CA MET C 21 6.28 -8.14 4.91
C MET C 21 7.29 -6.99 4.85
N LYS C 22 8.19 -6.98 5.85
CA LYS C 22 9.16 -5.89 6.00
C LYS C 22 10.07 -5.73 4.80
N ASP C 23 10.27 -6.78 4.01
CA ASP C 23 11.13 -6.72 2.83
C ASP C 23 10.39 -6.22 1.60
N SER C 24 9.08 -6.04 1.70
CA SER C 24 8.27 -5.56 0.58
C SER C 24 7.80 -4.13 0.74
N ILE C 25 7.63 -3.65 1.97
CA ILE C 25 7.09 -2.31 2.22
C ILE C 25 7.65 -1.81 3.55
N TRP C 26 7.87 -0.51 3.65
CA TRP C 26 8.41 0.06 4.88
C TRP C 26 8.03 1.54 4.98
N TRP C 27 8.03 2.03 6.20
CA TRP C 27 7.87 3.44 6.43
C TRP C 27 9.11 4.18 5.97
N VAL C 28 8.90 5.38 5.43
CA VAL C 28 10.00 6.31 5.19
C VAL C 28 10.05 7.27 6.36
N ASP C 29 8.95 7.95 6.61
CA ASP C 29 8.77 8.80 7.79
C ASP C 29 7.39 8.48 8.33
N LYS C 30 7.32 7.61 9.34
CA LYS C 30 6.02 7.14 9.80
C LYS C 30 5.20 8.29 10.38
N ASP C 31 5.86 9.27 10.99
CA ASP C 31 5.16 10.42 11.55
C ASP C 31 4.40 11.18 10.48
N LYS C 32 4.98 11.26 9.28
CA LYS C 32 4.32 11.91 8.15
C LYS C 32 3.45 10.97 7.36
N GLY C 33 3.51 9.67 7.64
CA GLY C 33 2.73 8.69 6.91
C GLY C 33 3.29 8.30 5.55
N THR C 34 4.57 8.57 5.31
CA THR C 34 5.17 8.24 4.02
C THR C 34 5.75 6.83 4.08
N PHE C 35 5.52 6.07 3.02
CA PHE C 35 5.96 4.69 2.96
C PHE C 35 6.38 4.35 1.54
N GLN C 36 7.13 3.27 1.41
CA GLN C 36 7.77 2.93 0.15
C GLN C 36 7.72 1.42 -0.08
N PHE C 37 7.46 1.04 -1.34
CA PHE C 37 7.53 -0.35 -1.73
C PHE C 37 8.92 -0.75 -2.23
N SER C 38 9.21 -2.04 -2.04
CA SER C 38 10.43 -2.64 -2.57
C SER C 38 10.36 -2.83 -4.07
N SER C 39 11.35 -2.33 -4.80
CA SER C 39 11.36 -2.59 -6.23
C SER C 39 11.32 -4.10 -6.51
N LYS C 40 12.13 -4.88 -5.82
CA LYS C 40 12.25 -6.28 -6.14
C LYS C 40 11.21 -7.17 -5.47
N HIS C 41 10.55 -6.74 -4.38
CA HIS C 41 9.67 -7.64 -3.64
C HIS C 41 8.25 -7.14 -3.51
N LYS C 42 7.89 -6.12 -4.30
CA LYS C 42 6.53 -5.60 -4.23
C LYS C 42 5.51 -6.58 -4.81
N GLU C 43 5.88 -7.38 -5.80
CA GLU C 43 4.88 -8.27 -6.38
C GLU C 43 4.35 -9.26 -5.35
N ALA C 44 5.19 -9.75 -4.43
CA ALA C 44 4.67 -10.69 -3.44
C ALA C 44 3.58 -10.04 -2.60
N LEU C 45 3.76 -8.77 -2.29
CA LEU C 45 2.76 -8.05 -1.53
C LEU C 45 1.48 -7.85 -2.33
N ALA C 46 1.63 -7.48 -3.61
CA ALA C 46 0.49 -7.37 -4.49
C ALA C 46 -0.25 -8.70 -4.58
N HIS C 47 0.49 -9.81 -4.66
CA HIS C 47 -0.20 -11.09 -4.73
C HIS C 47 -1.05 -11.32 -3.49
N ARG C 48 -0.51 -10.95 -2.32
CA ARG C 48 -1.24 -11.13 -1.07
CA ARG C 48 -1.24 -11.13 -1.07
C ARG C 48 -2.53 -10.33 -1.05
N TRP C 49 -2.50 -9.10 -1.57
CA TRP C 49 -3.70 -8.28 -1.64
C TRP C 49 -4.78 -8.98 -2.44
N GLY C 50 -4.41 -9.52 -3.61
CA GLY C 50 -5.42 -10.17 -4.44
C GLY C 50 -5.99 -11.41 -3.78
N ILE C 51 -5.14 -12.19 -3.13
CA ILE C 51 -5.64 -13.39 -2.45
C ILE C 51 -6.53 -13.01 -1.28
N GLN C 52 -6.20 -11.92 -0.57
CA GLN C 52 -7.05 -11.48 0.53
C GLN C 52 -8.41 -11.03 0.03
N LYS C 53 -8.46 -10.41 -1.15
CA LYS C 53 -9.72 -9.98 -1.75
C LYS C 53 -10.48 -11.10 -2.43
N GLY C 54 -9.84 -12.23 -2.69
CA GLY C 54 -10.49 -13.28 -3.46
C GLY C 54 -10.80 -12.89 -4.89
N ASN C 55 -9.97 -12.05 -5.49
CA ASN C 55 -10.20 -11.61 -6.86
C ASN C 55 -10.03 -12.79 -7.80
N ARG C 56 -10.61 -12.64 -8.99
CA ARG C 56 -10.59 -13.71 -9.98
C ARG C 56 -9.17 -13.95 -10.51
N LYS C 57 -8.47 -12.88 -10.89
CA LYS C 57 -7.14 -12.96 -11.47
C LYS C 57 -6.06 -12.68 -10.43
N LYS C 58 -4.83 -13.08 -10.78
CA LYS C 58 -3.66 -12.74 -9.98
C LYS C 58 -3.51 -11.24 -9.90
N MET C 59 -3.33 -10.72 -8.69
CA MET C 59 -3.08 -9.31 -8.51
C MET C 59 -1.64 -8.99 -8.85
N THR C 60 -1.41 -7.85 -9.47
CA THR C 60 -0.08 -7.39 -9.81
C THR C 60 0.16 -6.05 -9.14
N TYR C 61 1.45 -5.70 -8.92
CA TYR C 61 1.73 -4.37 -8.40
C TYR C 61 1.14 -3.27 -9.28
N GLN C 62 1.17 -3.46 -10.61
CA GLN C 62 0.64 -2.45 -11.49
C GLN C 62 -0.84 -2.21 -11.25
N LYS C 63 -1.61 -3.30 -11.09
CA LYS C 63 -3.04 -3.09 -10.84
C LYS C 63 -3.29 -2.52 -9.44
N MET C 64 -2.45 -2.92 -8.48
CA MET C 64 -2.58 -2.38 -7.13
C MET C 64 -2.25 -0.88 -7.11
N ALA C 65 -1.20 -0.47 -7.82
CA ALA C 65 -0.86 0.93 -7.92
C ALA C 65 -1.91 1.71 -8.71
N ARG C 66 -2.57 1.05 -9.68
CA ARG C 66 -3.67 1.72 -10.38
C ARG C 66 -4.81 2.01 -9.42
N ALA C 67 -5.12 1.07 -8.54
CA ALA C 67 -6.12 1.31 -7.50
C ALA C 67 -5.67 2.41 -6.53
N LEU C 68 -4.39 2.45 -6.16
CA LEU C 68 -3.94 3.52 -5.29
C LEU C 68 -4.11 4.89 -5.92
N ARG C 69 -3.81 5.01 -7.23
CA ARG C 69 -3.99 6.28 -7.91
CA ARG C 69 -3.99 6.27 -7.92
C ARG C 69 -5.41 6.81 -7.75
N ASN C 70 -6.40 5.93 -7.63
CA ASN C 70 -7.77 6.42 -7.50
C ASN C 70 -8.05 7.10 -6.17
N TYR C 71 -7.18 6.93 -5.18
CA TYR C 71 -7.32 7.67 -3.93
C TYR C 71 -6.80 9.11 -4.04
N GLY C 72 -6.12 9.46 -5.13
CA GLY C 72 -5.51 10.78 -5.19
C GLY C 72 -6.50 11.89 -4.89
N LYS C 73 -7.73 11.74 -5.39
CA LYS C 73 -8.71 12.80 -5.25
C LYS C 73 -9.23 12.92 -3.83
N THR C 74 -9.66 11.79 -3.26
CA THR C 74 -10.23 11.80 -1.91
C THR C 74 -9.17 11.82 -0.82
N GLY C 75 -7.94 11.44 -1.12
CA GLY C 75 -6.81 11.79 -0.26
C GLY C 75 -6.31 10.73 0.71
N GLU C 76 -6.89 9.52 0.72
CA GLU C 76 -6.48 8.50 1.69
C GLU C 76 -5.01 8.14 1.49
N VAL C 77 -4.59 8.08 0.24
CA VAL C 77 -3.21 7.81 -0.15
C VAL C 77 -2.87 8.73 -1.31
N LYS C 78 -1.72 9.38 -1.23
CA LYS C 78 -1.21 10.24 -2.28
C LYS C 78 0.17 9.75 -2.72
N LYS C 79 0.45 9.91 -4.00
CA LYS C 79 1.76 9.57 -4.53
C LYS C 79 2.75 10.66 -4.14
N VAL C 80 3.90 10.25 -3.67
CA VAL C 80 5.03 11.12 -3.38
C VAL C 80 5.98 11.08 -4.56
N LYS C 81 6.65 12.20 -4.85
CA LYS C 81 7.55 12.28 -6.01
C LYS C 81 8.91 11.65 -5.68
N LYS C 82 8.84 10.40 -5.25
CA LYS C 82 10.01 9.56 -5.00
C LYS C 82 9.64 8.15 -5.42
N LYS C 83 10.64 7.37 -5.80
CA LYS C 83 10.35 6.08 -6.42
C LYS C 83 9.53 5.21 -5.47
N LEU C 84 8.39 4.73 -5.96
CA LEU C 84 7.57 3.72 -5.26
C LEU C 84 7.10 4.22 -3.89
N THR C 85 6.98 5.53 -3.72
CA THR C 85 6.70 6.15 -2.43
C THR C 85 5.35 6.82 -2.42
N TYR C 86 4.63 6.67 -1.32
CA TYR C 86 3.26 7.12 -1.16
C TYR C 86 3.10 7.70 0.24
N GLN C 87 1.95 8.33 0.49
CA GLN C 87 1.72 8.99 1.78
C GLN C 87 0.26 8.84 2.19
N PHE C 88 0.03 8.31 3.38
CA PHE C 88 -1.30 8.25 3.97
C PHE C 88 -1.75 9.61 4.46
N SER C 89 -3.06 9.85 4.39
CA SER C 89 -3.60 11.06 4.99
C SER C 89 -3.57 10.97 6.51
N GLY C 90 -3.61 12.16 7.12
CA GLY C 90 -3.72 12.24 8.58
C GLY C 90 -4.94 11.52 9.10
N GLU C 91 -6.05 11.55 8.35
CA GLU C 91 -7.27 10.88 8.79
C GLU C 91 -7.08 9.38 8.81
N VAL C 92 -6.46 8.83 7.75
CA VAL C 92 -6.17 7.41 7.69
C VAL C 92 -5.28 6.99 8.85
N LEU C 93 -4.20 7.75 9.08
CA LEU C 93 -3.27 7.44 10.17
C LEU C 93 -3.96 7.56 11.53
N GLY C 94 -4.87 8.51 11.67
CA GLY C 94 -5.50 8.74 12.95
C GLY C 94 -6.38 7.58 13.38
N ARG C 95 -7.02 6.92 12.42
CA ARG C 95 -7.91 5.79 12.70
C ARG C 95 -7.12 4.49 12.87
NA NA D . 7.45 -0.97 -12.03
#